data_9VH0
#
_entry.id   9VH0
#
_cell.length_a   37.434
_cell.length_b   48.13
_cell.length_c   96.194
_cell.angle_alpha   100.187
_cell.angle_beta   91.579
_cell.angle_gamma   112.167
#
_symmetry.space_group_name_H-M   'P 1'
#
loop_
_entity.id
_entity.type
_entity.pdbx_description
1 polymer 'NAD-dependent protein deacetylase sirtuin-2'
2 polymer 'Histone H3.1'
3 non-polymer NICOTINAMIDE-ADENINE-DINUCLEOTIDE
4 non-polymer 'ZINC ION'
5 non-polymer 'MYRISTIC ACID'
6 water water
#
loop_
_entity_poly.entity_id
_entity_poly.type
_entity_poly.pdbx_seq_one_letter_code
_entity_poly.pdbx_strand_id
1 'polypeptide(L)'
;QKERLLDELTLEGVARYMQSERCRRVICLVGAGISTSAGIPDFRSPSTGLYDNLEKYHLPYPEAIFEISYFKKHPEPFFA
LAKELYPGQFKPTICHYFMRLLKDKGLLLRCYTQNIDTLERIAGLEQEDLVEAAGTFYTSHCVSASCRHEYPLSWMKEKI
FSEVTPKCEDCQSLVKPDIVFFGESLPARFFSCMQSDFLKVDLLLVMGTSLQVQPFASLISKAPLSTPRLLINKEKAGQS
DPFLGMIMGLGGGMDFDSKKAYRDVAWLGECDQGCLALAELLGWKKELEDLVRREHASIDAQ
;
A,B
2 'polypeptide(L)' APRKQL C,D
#
# COMPACT_ATOMS: atom_id res chain seq x y z
N GLN A 1 -0.07 43.01 -16.06
CA GLN A 1 -0.59 43.46 -17.38
C GLN A 1 -1.44 42.37 -18.03
N LYS A 2 -2.68 42.70 -18.39
CA LYS A 2 -3.53 41.78 -19.11
C LYS A 2 -3.11 41.74 -20.56
N GLU A 3 -2.02 41.03 -20.86
CA GLU A 3 -1.53 40.87 -22.23
C GLU A 3 -2.40 39.87 -23.01
N ARG A 4 -2.22 39.88 -24.34
CA ARG A 4 -2.86 38.89 -25.23
C ARG A 4 -1.79 38.00 -25.86
N LEU A 5 -1.93 36.68 -25.72
CA LEU A 5 -1.01 35.70 -26.30
C LEU A 5 -1.72 34.75 -27.27
N LEU A 6 -3.05 34.67 -27.22
CA LEU A 6 -3.76 33.94 -28.26
C LEU A 6 -4.02 34.89 -29.41
N ASP A 7 -3.67 34.44 -30.62
CA ASP A 7 -3.91 35.21 -31.82
C ASP A 7 -5.42 35.27 -32.06
N GLU A 8 -6.12 34.13 -31.88
CA GLU A 8 -7.56 34.04 -32.07
C GLU A 8 -8.14 33.13 -30.98
N LEU A 9 -9.41 33.41 -30.58
CA LEU A 9 -10.09 32.74 -29.46
C LEU A 9 -10.78 31.49 -29.98
N THR A 10 -9.96 30.63 -30.63
CA THR A 10 -10.36 29.35 -31.17
C THR A 10 -9.29 28.31 -30.84
N LEU A 11 -9.61 27.04 -31.10
CA LEU A 11 -8.74 25.93 -30.73
C LEU A 11 -7.51 25.87 -31.65
N GLU A 12 -7.64 26.44 -32.86
CA GLU A 12 -6.49 26.58 -33.74
C GLU A 12 -5.58 27.61 -33.10
N GLY A 13 -6.15 28.72 -32.63
CA GLY A 13 -5.41 29.70 -31.85
C GLY A 13 -4.54 29.03 -30.77
N VAL A 14 -5.21 28.30 -29.88
CA VAL A 14 -4.58 27.62 -28.77
C VAL A 14 -3.48 26.67 -29.27
N ALA A 15 -3.70 26.04 -30.43
CA ALA A 15 -2.73 25.08 -30.96
C ALA A 15 -1.45 25.81 -31.42
N ARG A 16 -1.61 26.86 -32.24
CA ARG A 16 -0.48 27.67 -32.69
C ARG A 16 0.32 28.13 -31.48
N TYR A 17 -0.40 28.71 -30.51
CA TYR A 17 0.17 29.17 -29.26
C TYR A 17 0.94 28.03 -28.59
N MET A 18 0.32 26.83 -28.53
CA MET A 18 0.98 25.67 -27.95
C MET A 18 2.27 25.36 -28.69
N GLN A 19 2.32 25.67 -30.00
CA GLN A 19 3.50 25.47 -30.83
C GLN A 19 4.50 26.62 -30.66
N SER A 20 4.11 27.76 -30.05
CA SER A 20 5.04 28.84 -29.77
C SER A 20 6.07 28.35 -28.76
N GLU A 21 7.18 29.10 -28.65
CA GLU A 21 8.31 28.71 -27.82
C GLU A 21 8.04 29.13 -26.38
N ARG A 22 7.10 30.07 -26.23
CA ARG A 22 6.64 30.56 -24.94
C ARG A 22 5.87 29.49 -24.12
N CYS A 23 5.06 28.65 -24.77
CA CYS A 23 4.17 27.72 -24.08
C CYS A 23 4.93 26.46 -23.66
N ARG A 24 5.37 26.43 -22.40
CA ARG A 24 6.23 25.35 -21.91
C ARG A 24 5.62 24.64 -20.70
N ARG A 25 4.62 25.27 -20.05
CA ARG A 25 4.16 24.85 -18.74
C ARG A 25 2.63 24.82 -18.79
N VAL A 26 2.06 23.61 -18.83
CA VAL A 26 0.62 23.44 -18.84
C VAL A 26 0.11 22.87 -17.50
N ILE A 27 -1.03 23.40 -17.07
CA ILE A 27 -1.78 22.82 -15.98
C ILE A 27 -3.11 22.31 -16.53
N CYS A 28 -3.43 21.07 -16.19
CA CYS A 28 -4.76 20.53 -16.44
C CYS A 28 -5.57 20.58 -15.14
N LEU A 29 -6.82 21.03 -15.23
CA LEU A 29 -7.84 20.85 -14.22
C LEU A 29 -8.91 19.91 -14.76
N VAL A 30 -9.18 18.78 -14.11
CA VAL A 30 -10.16 17.85 -14.67
C VAL A 30 -11.25 17.48 -13.64
N GLY A 31 -12.38 17.00 -14.15
CA GLY A 31 -13.40 16.42 -13.29
C GLY A 31 -14.01 15.15 -13.87
N ALA A 32 -15.30 14.94 -13.58
CA ALA A 32 -15.93 13.65 -13.74
C ALA A 32 -16.23 13.36 -15.21
N GLY A 33 -16.41 14.41 -16.03
CA GLY A 33 -16.65 14.27 -17.46
C GLY A 33 -15.54 13.59 -18.27
N ILE A 34 -14.29 13.58 -17.78
CA ILE A 34 -13.20 12.98 -18.52
C ILE A 34 -13.25 11.47 -18.31
N SER A 35 -14.04 10.96 -17.35
CA SER A 35 -14.11 9.51 -17.13
C SER A 35 -15.48 8.93 -17.53
N THR A 36 -16.38 9.75 -18.09
CA THR A 36 -17.71 9.23 -18.40
C THR A 36 -17.62 8.21 -19.54
N SER A 37 -16.65 8.40 -20.45
CA SER A 37 -16.46 7.42 -21.49
C SER A 37 -15.95 6.11 -20.89
N ALA A 38 -15.18 6.12 -19.79
CA ALA A 38 -14.80 4.84 -19.19
C ALA A 38 -15.93 4.20 -18.36
N GLY A 39 -17.19 4.68 -18.47
CA GLY A 39 -18.33 4.05 -17.82
C GLY A 39 -18.54 4.48 -16.36
N ILE A 40 -17.88 5.57 -15.91
CA ILE A 40 -18.09 6.11 -14.58
C ILE A 40 -19.09 7.26 -14.72
N PRO A 41 -20.21 7.24 -13.98
CA PRO A 41 -21.16 8.32 -14.10
C PRO A 41 -20.66 9.62 -13.45
N ASP A 42 -21.01 10.76 -14.03
CA ASP A 42 -20.84 12.01 -13.33
C ASP A 42 -22.02 12.24 -12.39
N PHE A 43 -22.02 13.37 -11.67
CA PHE A 43 -23.14 13.79 -10.84
C PHE A 43 -24.23 14.48 -11.66
N ARG A 44 -23.85 15.42 -12.52
CA ARG A 44 -24.76 16.49 -12.90
C ARG A 44 -25.50 16.18 -14.19
N SER A 45 -25.10 15.16 -14.95
CA SER A 45 -25.79 14.85 -16.18
C SER A 45 -27.20 14.31 -15.90
N PRO A 46 -28.21 14.62 -16.75
CA PRO A 46 -29.57 14.17 -16.51
C PRO A 46 -29.76 12.68 -16.79
N SER A 47 -30.77 12.07 -16.13
CA SER A 47 -31.06 10.64 -16.22
C SER A 47 -29.85 9.78 -15.86
N THR A 48 -28.69 10.03 -16.50
CA THR A 48 -27.48 9.24 -16.29
C THR A 48 -26.73 9.73 -15.04
N GLY A 49 -26.74 11.05 -14.79
CA GLY A 49 -26.04 11.60 -13.64
C GLY A 49 -26.42 10.92 -12.34
N LEU A 50 -25.49 10.93 -11.38
CA LEU A 50 -25.65 10.25 -10.09
C LEU A 50 -26.74 10.92 -9.23
N TYR A 51 -26.91 12.25 -9.31
CA TYR A 51 -27.91 12.95 -8.52
C TYR A 51 -29.33 12.62 -9.00
N ASP A 52 -29.49 11.82 -10.06
CA ASP A 52 -30.81 11.38 -10.49
C ASP A 52 -30.95 9.87 -10.33
N ASN A 53 -30.04 9.27 -9.55
CA ASN A 53 -29.93 7.82 -9.50
C ASN A 53 -29.67 7.34 -8.07
N LEU A 54 -30.01 8.16 -7.05
CA LEU A 54 -29.73 7.79 -5.68
C LEU A 54 -31.03 7.54 -4.89
N GLU A 55 -32.16 7.91 -5.47
CA GLU A 55 -33.45 7.89 -4.79
C GLU A 55 -33.67 6.60 -4.00
N LYS A 56 -33.13 5.50 -4.55
CA LYS A 56 -33.32 4.16 -4.00
C LYS A 56 -32.30 3.87 -2.90
N TYR A 57 -31.65 4.88 -2.32
CA TYR A 57 -30.81 4.70 -1.14
C TYR A 57 -31.42 5.40 0.08
N HIS A 58 -32.64 5.93 -0.07
CA HIS A 58 -33.43 6.43 1.05
C HIS A 58 -32.62 7.42 1.86
N LEU A 59 -32.16 8.49 1.20
CA LEU A 59 -31.29 9.51 1.77
C LEU A 59 -32.14 10.72 2.17
N PRO A 60 -31.61 11.65 2.99
CA PRO A 60 -32.30 12.91 3.24
C PRO A 60 -32.40 13.75 1.96
N TYR A 61 -31.36 13.69 1.14
CA TYR A 61 -31.41 14.19 -0.22
C TYR A 61 -30.25 13.52 -0.94
N PRO A 62 -30.11 13.68 -2.28
CA PRO A 62 -29.05 13.01 -3.04
C PRO A 62 -27.64 13.27 -2.55
N GLU A 63 -27.38 14.52 -2.18
CA GLU A 63 -25.99 14.95 -1.95
C GLU A 63 -25.45 14.29 -0.68
N ALA A 64 -26.38 13.82 0.17
CA ALA A 64 -26.05 13.51 1.56
C ALA A 64 -25.07 12.35 1.64
N ILE A 65 -25.19 11.41 0.69
CA ILE A 65 -24.39 10.18 0.61
C ILE A 65 -22.88 10.48 0.56
N PHE A 66 -22.52 11.64 0.01
CA PHE A 66 -21.13 12.07 -0.08
C PHE A 66 -20.77 13.11 0.98
N GLU A 67 -21.53 13.18 2.09
CA GLU A 67 -21.29 14.19 3.11
C GLU A 67 -20.66 13.55 4.34
N ILE A 68 -19.61 14.19 4.85
CA ILE A 68 -18.75 13.55 5.82
C ILE A 68 -19.56 13.23 7.06
N SER A 69 -20.42 14.17 7.48
CA SER A 69 -21.17 13.96 8.71
C SER A 69 -22.28 12.92 8.52
N TYR A 70 -22.90 12.87 7.34
CA TYR A 70 -23.87 11.81 7.14
C TYR A 70 -23.15 10.46 7.05
N PHE A 71 -22.02 10.43 6.33
CA PHE A 71 -21.29 9.18 6.18
C PHE A 71 -20.88 8.65 7.55
N LYS A 72 -20.61 9.56 8.48
CA LYS A 72 -20.12 9.15 9.80
C LYS A 72 -21.24 8.51 10.62
N LYS A 73 -22.45 9.08 10.57
CA LYS A 73 -23.56 8.55 11.36
C LYS A 73 -24.16 7.35 10.64
N HIS A 74 -24.08 7.29 9.29
CA HIS A 74 -24.61 6.16 8.56
C HIS A 74 -23.80 5.91 7.28
N PRO A 75 -22.75 5.07 7.33
CA PRO A 75 -21.94 4.79 6.15
C PRO A 75 -22.50 3.75 5.17
N GLU A 76 -23.69 3.20 5.40
CA GLU A 76 -24.14 2.03 4.65
C GLU A 76 -24.56 2.41 3.23
N PRO A 77 -25.36 3.48 3.02
CA PRO A 77 -25.73 3.90 1.67
C PRO A 77 -24.55 4.04 0.71
N PHE A 78 -23.46 4.63 1.23
CA PHE A 78 -22.28 4.89 0.44
C PHE A 78 -21.64 3.59 -0.02
N PHE A 79 -21.51 2.62 0.90
CA PHE A 79 -20.76 1.41 0.60
C PHE A 79 -21.60 0.50 -0.28
N ALA A 80 -22.93 0.60 -0.19
CA ALA A 80 -23.81 -0.13 -1.09
C ALA A 80 -23.72 0.48 -2.49
N LEU A 81 -23.52 1.80 -2.53
CA LEU A 81 -23.39 2.52 -3.78
C LEU A 81 -22.03 2.19 -4.41
N ALA A 82 -21.01 2.01 -3.56
CA ALA A 82 -19.69 1.73 -4.05
C ALA A 82 -19.70 0.37 -4.78
N LYS A 83 -20.50 -0.57 -4.27
CA LYS A 83 -20.58 -1.89 -4.88
C LYS A 83 -21.33 -1.83 -6.21
N GLU A 84 -22.33 -0.96 -6.30
CA GLU A 84 -23.08 -0.83 -7.52
C GLU A 84 -22.16 -0.23 -8.57
N LEU A 85 -21.31 0.71 -8.17
CA LEU A 85 -20.54 1.47 -9.13
C LEU A 85 -19.17 0.87 -9.41
N TYR A 86 -18.70 -0.11 -8.61
CA TYR A 86 -17.30 -0.53 -8.70
C TYR A 86 -17.04 -1.11 -10.10
N PRO A 87 -16.13 -0.48 -10.89
CA PRO A 87 -15.87 -0.89 -12.26
C PRO A 87 -15.34 -2.31 -12.44
N GLY A 88 -15.73 -2.95 -13.55
CA GLY A 88 -15.17 -4.24 -13.92
C GLY A 88 -13.70 -4.10 -14.36
N GLN A 89 -13.30 -2.90 -14.80
CA GLN A 89 -12.00 -2.69 -15.40
C GLN A 89 -11.67 -1.21 -15.39
N PHE A 90 -10.41 -0.89 -15.04
CA PHE A 90 -9.93 0.46 -14.90
C PHE A 90 -9.05 0.82 -16.09
N LYS A 91 -9.69 1.44 -17.09
CA LYS A 91 -9.12 1.68 -18.41
C LYS A 91 -9.31 3.16 -18.73
N PRO A 92 -8.19 3.93 -18.76
CA PRO A 92 -8.24 5.37 -18.91
C PRO A 92 -8.69 5.76 -20.31
N THR A 93 -9.24 6.98 -20.46
CA THR A 93 -9.82 7.42 -21.72
C THR A 93 -8.73 8.09 -22.54
N ILE A 94 -9.11 8.57 -23.74
CA ILE A 94 -8.22 9.28 -24.64
C ILE A 94 -7.81 10.56 -23.94
N CYS A 95 -8.81 11.22 -23.35
CA CYS A 95 -8.57 12.43 -22.60
C CYS A 95 -7.41 12.16 -21.65
N HIS A 96 -7.46 11.05 -20.93
CA HIS A 96 -6.43 10.71 -19.93
C HIS A 96 -5.08 10.66 -20.60
N TYR A 97 -5.03 9.99 -21.75
CA TYR A 97 -3.79 9.71 -22.44
C TYR A 97 -3.29 11.00 -23.07
N PHE A 98 -4.19 11.95 -23.34
CA PHE A 98 -3.79 13.22 -23.90
C PHE A 98 -2.89 13.95 -22.89
N MET A 99 -3.17 13.78 -21.59
CA MET A 99 -2.35 14.37 -20.56
C MET A 99 -1.04 13.57 -20.36
N ARG A 100 -1.06 12.30 -20.74
CA ARG A 100 0.12 11.45 -20.62
C ARG A 100 1.17 11.91 -21.64
N LEU A 101 0.66 12.37 -22.79
CA LEU A 101 1.42 12.77 -23.96
C LEU A 101 2.03 14.14 -23.70
N LEU A 102 1.28 14.98 -22.95
CA LEU A 102 1.76 16.27 -22.51
C LEU A 102 2.98 16.04 -21.63
N LYS A 103 2.81 15.18 -20.62
CA LYS A 103 3.91 14.74 -19.76
C LYS A 103 5.09 14.26 -20.59
N ASP A 104 4.82 13.40 -21.57
CA ASP A 104 5.85 12.84 -22.42
C ASP A 104 6.51 13.91 -23.29
N LYS A 105 5.73 14.91 -23.73
CA LYS A 105 6.26 15.94 -24.59
C LYS A 105 6.96 17.01 -23.76
N GLY A 106 7.00 16.84 -22.44
CA GLY A 106 7.63 17.81 -21.56
C GLY A 106 6.74 19.03 -21.21
N LEU A 107 5.43 18.96 -21.45
CA LEU A 107 4.61 20.16 -21.33
C LEU A 107 3.75 20.17 -20.05
N LEU A 108 3.73 19.08 -19.29
CA LEU A 108 2.81 18.97 -18.17
C LEU A 108 3.51 19.35 -16.87
N LEU A 109 3.11 20.52 -16.33
CA LEU A 109 3.51 20.98 -15.01
C LEU A 109 2.72 20.21 -13.94
N ARG A 110 1.41 20.07 -14.16
CA ARG A 110 0.57 19.44 -13.16
C ARG A 110 -0.77 19.09 -13.79
N CYS A 111 -1.35 18.00 -13.28
CA CYS A 111 -2.76 17.73 -13.44
C CYS A 111 -3.41 17.80 -12.06
N TYR A 112 -4.37 18.70 -11.93
CA TYR A 112 -5.20 18.82 -10.75
C TYR A 112 -6.53 18.10 -11.00
N THR A 113 -6.77 16.98 -10.31
CA THR A 113 -7.95 16.16 -10.62
C THR A 113 -8.90 16.10 -9.43
N GLN A 114 -10.19 16.13 -9.75
CA GLN A 114 -11.27 15.95 -8.80
C GLN A 114 -11.70 14.50 -8.76
N ASN A 115 -11.26 13.70 -9.74
CA ASN A 115 -11.74 12.33 -9.78
C ASN A 115 -10.99 11.49 -8.74
N ILE A 116 -11.61 10.37 -8.34
CA ILE A 116 -11.06 9.44 -7.35
C ILE A 116 -10.85 8.05 -7.97
N ASP A 117 -10.85 7.97 -9.29
CA ASP A 117 -10.92 6.69 -10.01
C ASP A 117 -9.52 6.11 -10.26
N THR A 118 -8.47 6.93 -10.03
CA THR A 118 -7.06 6.66 -10.23
C THR A 118 -6.70 6.48 -11.70
N LEU A 119 -7.55 6.90 -12.63
CA LEU A 119 -7.26 6.58 -14.02
C LEU A 119 -6.02 7.32 -14.51
N GLU A 120 -5.69 8.45 -13.86
CA GLU A 120 -4.56 9.29 -14.23
C GLU A 120 -3.26 8.55 -13.96
N ARG A 121 -3.13 7.95 -12.78
CA ARG A 121 -1.91 7.21 -12.41
C ARG A 121 -1.72 6.03 -13.35
N ILE A 122 -2.86 5.37 -13.63
CA ILE A 122 -2.96 4.20 -14.49
C ILE A 122 -2.51 4.60 -15.89
N ALA A 123 -2.87 5.81 -16.32
CA ALA A 123 -2.54 6.29 -17.65
C ALA A 123 -1.06 6.72 -17.73
N GLY A 124 -0.40 6.81 -16.58
CA GLY A 124 1.05 6.94 -16.53
C GLY A 124 1.55 8.20 -15.82
N LEU A 125 0.63 8.99 -15.23
CA LEU A 125 1.04 10.17 -14.49
C LEU A 125 1.58 9.69 -13.14
N GLU A 126 2.82 10.10 -12.85
CA GLU A 126 3.45 9.81 -11.59
C GLU A 126 2.82 10.70 -10.51
N GLN A 127 3.05 10.32 -9.24
CA GLN A 127 2.55 11.04 -8.09
C GLN A 127 2.84 12.54 -8.24
N GLU A 128 4.08 12.87 -8.68
CA GLU A 128 4.57 14.24 -8.69
C GLU A 128 3.83 15.05 -9.77
N ASP A 129 3.18 14.37 -10.71
CA ASP A 129 2.47 15.08 -11.77
C ASP A 129 1.09 15.51 -11.32
N LEU A 130 0.66 15.02 -10.13
CA LEU A 130 -0.74 14.96 -9.72
C LEU A 130 -1.00 15.71 -8.41
N VAL A 131 -2.14 16.42 -8.36
CA VAL A 131 -2.80 16.80 -7.12
C VAL A 131 -4.21 16.21 -7.11
N GLU A 132 -4.38 15.10 -6.35
CA GLU A 132 -5.69 14.49 -6.19
C GLU A 132 -6.50 15.31 -5.19
N ALA A 133 -7.30 16.21 -5.75
CA ALA A 133 -7.92 17.28 -4.98
C ALA A 133 -9.11 16.75 -4.20
N ALA A 134 -9.68 15.61 -4.59
CA ALA A 134 -10.72 15.01 -3.77
C ALA A 134 -10.28 13.65 -3.23
N GLY A 135 -8.95 13.40 -3.22
CA GLY A 135 -8.41 12.19 -2.61
C GLY A 135 -8.50 11.01 -3.58
N THR A 136 -8.55 9.80 -3.03
CA THR A 136 -8.41 8.58 -3.79
C THR A 136 -9.15 7.46 -3.07
N PHE A 137 -9.69 6.52 -3.86
CA PHE A 137 -10.27 5.28 -3.39
C PHE A 137 -9.21 4.21 -3.18
N TYR A 138 -7.99 4.42 -3.71
CA TYR A 138 -6.95 3.40 -3.79
C TYR A 138 -6.54 2.91 -2.40
N THR A 139 -6.41 3.83 -1.43
CA THR A 139 -6.10 3.48 -0.07
C THR A 139 -7.23 3.97 0.83
N SER A 140 -7.33 3.34 2.01
CA SER A 140 -8.33 3.65 3.01
C SER A 140 -7.65 3.72 4.38
N HIS A 141 -8.28 4.40 5.34
CA HIS A 141 -7.80 4.51 6.71
C HIS A 141 -8.96 4.48 7.68
N CYS A 142 -8.71 3.90 8.86
CA CYS A 142 -9.68 3.97 9.94
C CYS A 142 -9.70 5.41 10.46
N VAL A 143 -10.83 5.77 11.10
CA VAL A 143 -11.15 7.16 11.39
C VAL A 143 -10.64 7.53 12.78
N SER A 144 -10.27 6.55 13.60
CA SER A 144 -9.67 6.86 14.88
C SER A 144 -8.38 7.62 14.63
N ALA A 145 -8.34 8.86 15.14
CA ALA A 145 -7.20 9.76 15.08
C ALA A 145 -5.92 9.07 15.53
N SER A 146 -6.00 8.26 16.59
CA SER A 146 -4.82 7.72 17.24
C SER A 146 -4.42 6.36 16.67
N CYS A 147 -5.12 5.88 15.64
CA CYS A 147 -4.86 4.57 15.09
C CYS A 147 -4.49 4.72 13.63
N ARG A 148 -5.46 5.18 12.83
CA ARG A 148 -5.23 5.55 11.46
C ARG A 148 -4.59 4.39 10.71
N HIS A 149 -5.08 3.19 10.97
CA HIS A 149 -4.66 2.01 10.24
C HIS A 149 -5.04 2.17 8.77
N GLU A 150 -4.03 2.15 7.90
CA GLU A 150 -4.20 1.96 6.47
C GLU A 150 -4.74 0.56 6.17
N TYR A 151 -5.58 0.48 5.13
CA TYR A 151 -6.04 -0.76 4.53
C TYR A 151 -5.97 -0.68 3.00
N PRO A 152 -5.65 -1.81 2.32
CA PRO A 152 -5.51 -1.80 0.87
C PRO A 152 -6.85 -1.79 0.15
N LEU A 153 -6.78 -1.50 -1.16
CA LEU A 153 -7.92 -1.55 -2.04
C LEU A 153 -8.63 -2.89 -1.90
N SER A 154 -7.87 -3.99 -1.97
CA SER A 154 -8.42 -5.32 -2.00
C SER A 154 -9.25 -5.60 -0.74
N TRP A 155 -8.69 -5.25 0.44
CA TRP A 155 -9.40 -5.38 1.70
C TRP A 155 -10.75 -4.63 1.65
N MET A 156 -10.71 -3.45 1.03
CA MET A 156 -11.84 -2.55 1.02
C MET A 156 -12.88 -3.09 0.04
N LYS A 157 -12.38 -3.75 -1.01
CA LYS A 157 -13.21 -4.27 -2.07
C LYS A 157 -13.89 -5.55 -1.60
N GLU A 158 -13.08 -6.41 -0.98
CA GLU A 158 -13.62 -7.57 -0.29
C GLU A 158 -14.89 -7.14 0.45
N LYS A 159 -14.69 -6.26 1.45
CA LYS A 159 -15.72 -5.80 2.34
C LYS A 159 -16.93 -5.27 1.55
N ILE A 160 -16.68 -4.47 0.52
CA ILE A 160 -17.78 -3.86 -0.22
C ILE A 160 -18.60 -4.98 -0.85
N PHE A 161 -17.98 -5.83 -1.67
CA PHE A 161 -18.68 -6.92 -2.32
C PHE A 161 -19.31 -7.86 -1.29
N SER A 162 -18.73 -7.99 -0.09
CA SER A 162 -19.32 -8.84 0.94
C SER A 162 -20.59 -8.22 1.54
N GLU A 163 -20.77 -6.89 1.40
CA GLU A 163 -21.83 -6.15 2.06
C GLU A 163 -21.59 -6.14 3.58
N VAL A 164 -20.30 -6.24 3.96
CA VAL A 164 -19.87 -6.01 5.32
C VAL A 164 -19.34 -4.58 5.42
N THR A 165 -19.80 -3.81 6.41
CA THR A 165 -19.27 -2.45 6.54
C THR A 165 -17.87 -2.52 7.14
N PRO A 166 -16.88 -1.90 6.48
CA PRO A 166 -15.49 -1.99 6.92
C PRO A 166 -15.28 -1.41 8.31
N LYS A 167 -14.73 -2.26 9.19
CA LYS A 167 -14.29 -1.88 10.52
C LYS A 167 -12.82 -2.25 10.69
N CYS A 168 -12.05 -1.33 11.29
CA CYS A 168 -10.67 -1.58 11.62
C CYS A 168 -10.59 -2.90 12.38
N GLU A 169 -9.66 -3.76 11.96
CA GLU A 169 -9.43 -5.04 12.61
C GLU A 169 -8.89 -4.85 14.02
N ASP A 170 -8.29 -3.69 14.32
CA ASP A 170 -7.66 -3.45 15.61
C ASP A 170 -8.62 -2.70 16.53
N CYS A 171 -9.02 -1.48 16.15
CA CYS A 171 -9.71 -0.57 17.06
C CYS A 171 -11.23 -0.56 16.89
N GLN A 172 -11.74 -1.14 15.77
CA GLN A 172 -13.16 -1.29 15.50
C GLN A 172 -13.78 -0.02 14.94
N SER A 173 -12.97 1.02 14.71
CA SER A 173 -13.46 2.24 14.09
C SER A 173 -13.70 2.00 12.61
N LEU A 174 -14.74 2.68 12.12
CA LEU A 174 -15.16 2.70 10.73
C LEU A 174 -13.97 2.94 9.79
N VAL A 175 -13.97 2.27 8.61
CA VAL A 175 -12.88 2.48 7.68
C VAL A 175 -13.40 3.15 6.42
N LYS A 176 -12.75 4.28 6.12
CA LYS A 176 -13.18 5.21 5.08
C LYS A 176 -12.17 5.20 3.93
N PRO A 177 -12.60 5.13 2.66
CA PRO A 177 -11.64 5.38 1.58
C PRO A 177 -11.01 6.76 1.77
N ASP A 178 -9.77 6.97 1.30
CA ASP A 178 -9.11 8.27 1.45
C ASP A 178 -9.68 9.28 0.48
N ILE A 179 -11.01 9.26 0.35
CA ILE A 179 -11.75 10.28 -0.35
C ILE A 179 -11.95 11.48 0.56
N VAL A 180 -12.04 12.66 -0.05
CA VAL A 180 -12.41 13.87 0.67
C VAL A 180 -13.93 14.03 0.51
N PHE A 181 -14.69 13.57 1.50
CA PHE A 181 -16.13 13.82 1.54
C PHE A 181 -16.40 15.31 1.68
N PHE A 182 -17.51 15.77 1.15
CA PHE A 182 -17.98 17.14 1.38
C PHE A 182 -17.99 17.40 2.89
N GLY A 183 -17.40 18.54 3.27
CA GLY A 183 -17.26 18.89 4.67
C GLY A 183 -15.85 18.56 5.17
N GLU A 184 -15.03 17.92 4.34
CA GLU A 184 -13.67 17.58 4.73
C GLU A 184 -12.69 18.65 4.26
N SER A 185 -11.52 18.67 4.89
CA SER A 185 -10.44 19.52 4.40
C SER A 185 -9.76 18.86 3.20
N LEU A 186 -9.45 19.68 2.20
CA LEU A 186 -8.66 19.25 1.07
C LEU A 186 -7.22 19.05 1.52
N PRO A 187 -6.47 18.16 0.82
CA PRO A 187 -5.13 17.76 1.22
C PRO A 187 -4.13 18.91 1.18
N ALA A 188 -3.09 18.77 2.01
CA ALA A 188 -2.13 19.84 2.26
C ALA A 188 -1.52 20.28 0.94
N ARG A 189 -1.18 19.28 0.13
CA ARG A 189 -0.52 19.38 -1.17
C ARG A 189 -1.25 20.38 -2.08
N PHE A 190 -2.59 20.37 -2.04
CA PHE A 190 -3.39 21.19 -2.94
C PHE A 190 -2.93 22.63 -2.81
N PHE A 191 -2.96 23.16 -1.60
CA PHE A 191 -2.72 24.57 -1.40
C PHE A 191 -1.26 24.89 -1.69
N SER A 192 -0.34 24.03 -1.21
CA SER A 192 1.09 24.21 -1.44
C SER A 192 1.47 24.20 -2.91
N CYS A 193 0.93 23.24 -3.71
CA CYS A 193 1.25 23.17 -5.13
C CYS A 193 0.65 24.40 -5.84
N MET A 194 -0.54 24.81 -5.42
CA MET A 194 -1.22 25.93 -6.05
C MET A 194 -0.45 27.23 -5.81
N GLN A 195 0.19 27.34 -4.66
CA GLN A 195 1.12 28.44 -4.44
C GLN A 195 2.27 28.36 -5.46
N SER A 196 2.89 27.21 -5.69
CA SER A 196 4.05 27.21 -6.57
C SER A 196 3.67 27.21 -8.05
N ASP A 197 2.67 26.38 -8.46
CA ASP A 197 2.47 26.06 -9.87
C ASP A 197 1.93 27.23 -10.69
N PHE A 198 1.00 28.02 -10.15
CA PHE A 198 0.31 29.03 -10.94
C PHE A 198 1.19 30.24 -11.22
N LEU A 199 2.44 30.27 -10.76
CA LEU A 199 3.29 31.37 -11.16
C LEU A 199 4.16 30.99 -12.37
N LYS A 200 4.08 29.73 -12.88
CA LYS A 200 4.84 29.29 -14.04
C LYS A 200 3.95 28.91 -15.21
N VAL A 201 2.62 29.11 -15.08
CA VAL A 201 1.64 28.52 -15.97
C VAL A 201 1.46 29.35 -17.25
N ASP A 202 1.70 28.68 -18.38
CA ASP A 202 1.57 29.24 -19.73
C ASP A 202 0.20 28.91 -20.33
N LEU A 203 -0.47 27.84 -19.86
CA LEU A 203 -1.77 27.50 -20.42
C LEU A 203 -2.60 26.73 -19.40
N LEU A 204 -3.86 27.14 -19.27
CA LEU A 204 -4.82 26.38 -18.46
C LEU A 204 -5.72 25.53 -19.36
N LEU A 205 -5.79 24.22 -19.08
CA LEU A 205 -6.61 23.31 -19.89
C LEU A 205 -7.61 22.61 -18.96
N VAL A 206 -8.89 22.94 -19.12
CA VAL A 206 -9.91 22.56 -18.17
C VAL A 206 -10.89 21.62 -18.86
N MET A 207 -11.08 20.40 -18.34
CA MET A 207 -11.88 19.40 -19.05
C MET A 207 -12.83 18.61 -18.13
N GLY A 208 -14.12 18.51 -18.57
CA GLY A 208 -15.13 17.64 -17.98
C GLY A 208 -15.42 17.96 -16.50
N THR A 209 -15.57 19.26 -16.18
CA THR A 209 -15.97 19.70 -14.86
C THR A 209 -16.99 20.83 -15.01
N SER A 210 -18.02 20.81 -14.15
CA SER A 210 -19.04 21.86 -14.10
C SER A 210 -18.56 23.06 -13.27
N LEU A 211 -17.38 22.96 -12.65
CA LEU A 211 -16.78 24.03 -11.86
C LEU A 211 -17.79 24.62 -10.89
N GLN A 212 -18.32 23.77 -10.00
CA GLN A 212 -19.27 24.11 -8.96
C GLN A 212 -18.73 23.67 -7.60
N VAL A 213 -17.59 22.96 -7.61
CA VAL A 213 -17.04 22.50 -6.36
C VAL A 213 -15.86 23.41 -6.01
N GLN A 214 -15.92 23.91 -4.77
CA GLN A 214 -14.96 24.82 -4.21
C GLN A 214 -14.15 24.07 -3.17
N PRO A 215 -12.86 24.40 -2.98
CA PRO A 215 -12.19 25.49 -3.68
C PRO A 215 -11.46 25.09 -4.97
N PHE A 216 -11.80 23.94 -5.58
CA PHE A 216 -11.16 23.56 -6.82
C PHE A 216 -11.53 24.57 -7.91
N ALA A 217 -12.81 24.95 -7.97
CA ALA A 217 -13.26 25.79 -9.06
C ALA A 217 -12.45 27.09 -9.15
N SER A 218 -12.23 27.76 -8.01
CA SER A 218 -11.46 29.00 -8.00
C SER A 218 -10.03 28.87 -8.55
N LEU A 219 -9.48 27.67 -8.73
CA LEU A 219 -8.14 27.54 -9.31
C LEU A 219 -8.03 28.37 -10.60
N ILE A 220 -9.14 28.51 -11.33
CA ILE A 220 -9.09 29.19 -12.63
C ILE A 220 -8.61 30.63 -12.44
N SER A 221 -9.04 31.27 -11.35
CA SER A 221 -8.74 32.67 -11.15
C SER A 221 -7.44 32.86 -10.38
N LYS A 222 -6.69 31.77 -10.15
CA LYS A 222 -5.36 31.87 -9.58
C LYS A 222 -4.35 32.06 -10.71
N ALA A 223 -4.82 31.94 -11.94
CA ALA A 223 -3.93 31.98 -13.09
C ALA A 223 -3.58 33.42 -13.36
N PRO A 224 -2.33 33.69 -13.80
CA PRO A 224 -1.99 35.03 -14.28
C PRO A 224 -3.00 35.49 -15.34
N LEU A 225 -3.29 36.80 -15.34
CA LEU A 225 -4.37 37.33 -16.16
C LEU A 225 -4.09 37.11 -17.65
N SER A 226 -2.82 36.94 -18.01
CA SER A 226 -2.49 36.76 -19.39
C SER A 226 -2.52 35.29 -19.80
N THR A 227 -2.78 34.36 -18.86
CA THR A 227 -2.64 32.95 -19.16
C THR A 227 -3.90 32.50 -19.90
N PRO A 228 -3.78 31.98 -21.14
CA PRO A 228 -4.96 31.50 -21.87
C PRO A 228 -5.61 30.30 -21.19
N ARG A 229 -6.96 30.27 -21.24
CA ARG A 229 -7.72 29.19 -20.65
C ARG A 229 -8.62 28.50 -21.67
N LEU A 230 -8.35 27.21 -21.89
CA LEU A 230 -9.20 26.35 -22.72
C LEU A 230 -10.04 25.43 -21.85
N LEU A 231 -11.37 25.52 -22.04
CA LEU A 231 -12.35 24.54 -21.59
C LEU A 231 -12.68 23.55 -22.70
N ILE A 232 -12.66 22.25 -22.38
CA ILE A 232 -13.21 21.21 -23.25
C ILE A 232 -14.32 20.51 -22.47
N ASN A 233 -15.58 20.80 -22.82
CA ASN A 233 -16.73 20.37 -22.05
C ASN A 233 -17.94 20.25 -22.96
N LYS A 234 -19.00 19.56 -22.51
CA LYS A 234 -20.25 19.56 -23.23
C LYS A 234 -20.90 20.94 -23.11
N GLU A 235 -20.94 21.48 -21.88
CA GLU A 235 -21.51 22.78 -21.57
C GLU A 235 -20.45 23.73 -21.00
N LYS A 236 -20.68 25.03 -21.22
CA LYS A 236 -19.83 26.09 -20.74
C LYS A 236 -19.90 26.08 -19.21
N ALA A 237 -18.72 26.23 -18.59
CA ALA A 237 -18.62 26.40 -17.15
C ALA A 237 -17.65 27.55 -16.88
N GLY A 238 -17.65 28.04 -15.64
CA GLY A 238 -16.63 28.95 -15.14
C GLY A 238 -17.08 30.41 -15.13
N GLN A 239 -18.34 30.67 -15.52
CA GLN A 239 -18.78 32.02 -15.81
C GLN A 239 -19.11 32.76 -14.51
N SER A 240 -20.10 32.27 -13.75
CA SER A 240 -20.51 32.87 -12.48
C SER A 240 -19.45 32.60 -11.41
N GLY A 251 -8.46 36.81 -10.50
CA GLY A 251 -8.29 36.26 -11.86
C GLY A 251 -9.54 36.50 -12.70
N GLY A 252 -10.71 36.11 -12.16
CA GLY A 252 -11.99 36.29 -12.80
C GLY A 252 -12.50 34.99 -13.44
N GLY A 253 -13.83 34.83 -13.45
CA GLY A 253 -14.46 33.69 -14.10
C GLY A 253 -14.29 33.77 -15.62
N MET A 254 -14.78 32.73 -16.30
CA MET A 254 -14.56 32.57 -17.72
C MET A 254 -15.43 33.56 -18.51
N ASP A 255 -14.77 34.50 -19.19
CA ASP A 255 -15.45 35.33 -20.17
C ASP A 255 -15.14 34.81 -21.58
N PHE A 256 -16.13 34.21 -22.25
CA PHE A 256 -15.90 33.58 -23.54
C PHE A 256 -16.27 34.54 -24.68
N ASP A 257 -17.24 35.42 -24.45
CA ASP A 257 -18.17 35.79 -25.50
C ASP A 257 -18.57 37.27 -25.48
N SER A 258 -17.87 38.10 -24.71
CA SER A 258 -18.28 39.48 -24.54
C SER A 258 -17.23 40.38 -25.20
N LYS A 259 -17.52 41.68 -25.27
CA LYS A 259 -16.63 42.65 -25.90
C LYS A 259 -15.21 42.46 -25.36
N LYS A 260 -15.11 42.15 -24.06
CA LYS A 260 -13.83 42.18 -23.35
C LYS A 260 -13.01 40.87 -23.46
N ALA A 261 -13.61 39.81 -24.03
CA ALA A 261 -12.97 38.51 -24.09
C ALA A 261 -11.61 38.61 -24.77
N TYR A 262 -10.60 37.96 -24.18
CA TYR A 262 -9.25 38.06 -24.72
C TYR A 262 -8.41 36.79 -24.59
N ARG A 263 -8.75 35.85 -23.68
CA ARG A 263 -7.87 34.71 -23.46
C ARG A 263 -8.59 33.38 -23.26
N ASP A 264 -9.92 33.39 -23.23
CA ASP A 264 -10.67 32.20 -22.88
C ASP A 264 -11.32 31.62 -24.12
N VAL A 265 -11.29 30.30 -24.20
CA VAL A 265 -11.97 29.57 -25.26
C VAL A 265 -12.79 28.45 -24.63
N ALA A 266 -13.99 28.28 -25.18
CA ALA A 266 -14.79 27.09 -24.93
C ALA A 266 -14.80 26.25 -26.21
N TRP A 267 -14.67 24.93 -26.05
CA TRP A 267 -14.89 23.98 -27.12
C TRP A 267 -15.90 22.97 -26.62
N LEU A 268 -17.06 22.91 -27.27
CA LEU A 268 -18.21 22.24 -26.68
C LEU A 268 -18.43 20.92 -27.38
N GLY A 269 -18.25 19.81 -26.63
CA GLY A 269 -18.33 18.46 -27.13
C GLY A 269 -17.71 17.49 -26.12
N GLU A 270 -17.42 16.26 -26.55
CA GLU A 270 -16.89 15.25 -25.63
C GLU A 270 -15.41 15.45 -25.42
N CYS A 271 -14.92 15.27 -24.19
CA CYS A 271 -13.51 15.50 -23.90
C CYS A 271 -12.60 14.66 -24.80
N ASP A 272 -13.05 13.44 -25.13
CA ASP A 272 -12.32 12.59 -26.06
C ASP A 272 -12.17 13.26 -27.44
N GLN A 273 -13.25 13.91 -27.89
CA GLN A 273 -13.32 14.48 -29.22
C GLN A 273 -12.42 15.69 -29.28
N GLY A 274 -12.56 16.56 -28.27
CA GLY A 274 -11.71 17.72 -28.13
C GLY A 274 -10.23 17.35 -28.17
N CYS A 275 -9.80 16.35 -27.38
CA CYS A 275 -8.39 16.08 -27.23
C CYS A 275 -7.83 15.64 -28.58
N LEU A 276 -8.62 14.88 -29.33
CA LEU A 276 -8.20 14.31 -30.59
C LEU A 276 -8.05 15.41 -31.64
N ALA A 277 -9.04 16.32 -31.64
CA ALA A 277 -9.01 17.52 -32.45
C ALA A 277 -7.73 18.34 -32.16
N LEU A 278 -7.39 18.57 -30.89
CA LEU A 278 -6.20 19.34 -30.59
C LEU A 278 -4.94 18.54 -30.97
N ALA A 279 -4.92 17.25 -30.67
CA ALA A 279 -3.87 16.37 -31.11
C ALA A 279 -3.62 16.60 -32.60
N GLU A 280 -4.73 16.72 -33.34
CA GLU A 280 -4.71 16.77 -34.79
C GLU A 280 -3.99 18.03 -35.24
N LEU A 281 -4.41 19.18 -34.71
CA LEU A 281 -3.82 20.47 -35.00
C LEU A 281 -2.31 20.50 -34.70
N LEU A 282 -1.85 19.71 -33.74
CA LEU A 282 -0.44 19.64 -33.38
C LEU A 282 0.26 18.57 -34.22
N GLY A 283 -0.51 17.81 -35.01
CA GLY A 283 0.03 16.67 -35.73
C GLY A 283 0.42 15.54 -34.77
N TRP A 284 -0.44 15.34 -33.76
CA TRP A 284 -0.20 14.37 -32.71
C TRP A 284 -1.13 13.17 -32.85
N LYS A 285 -2.12 13.27 -33.76
CA LYS A 285 -3.21 12.32 -33.72
C LYS A 285 -2.71 10.87 -33.70
N LYS A 286 -1.78 10.51 -34.59
CA LYS A 286 -1.31 9.14 -34.67
C LYS A 286 -0.62 8.72 -33.37
N GLU A 287 0.27 9.56 -32.87
CA GLU A 287 1.01 9.27 -31.66
C GLU A 287 0.07 8.98 -30.47
N LEU A 288 -1.06 9.72 -30.44
CA LEU A 288 -2.02 9.62 -29.35
C LEU A 288 -2.86 8.36 -29.54
N GLU A 289 -3.18 8.07 -30.81
CA GLU A 289 -3.94 6.87 -31.16
C GLU A 289 -3.14 5.65 -30.75
N ASP A 290 -1.82 5.72 -30.96
CA ASP A 290 -0.96 4.57 -30.73
C ASP A 290 -0.74 4.39 -29.24
N LEU A 291 -0.66 5.51 -28.52
CA LEU A 291 -0.53 5.49 -27.06
C LEU A 291 -1.74 4.81 -26.41
N VAL A 292 -2.95 5.27 -26.74
CA VAL A 292 -4.18 4.64 -26.23
C VAL A 292 -4.14 3.12 -26.48
N ARG A 293 -3.95 2.72 -27.75
CA ARG A 293 -3.95 1.31 -28.13
C ARG A 293 -2.92 0.48 -27.33
N ARG A 294 -1.64 0.89 -27.35
CA ARG A 294 -0.58 0.10 -26.74
C ARG A 294 -0.96 -0.08 -25.26
N GLU A 295 -1.36 1.02 -24.61
CA GLU A 295 -1.62 1.01 -23.19
C GLU A 295 -2.90 0.23 -22.87
N HIS A 296 -3.97 0.43 -23.65
CA HIS A 296 -5.20 -0.34 -23.47
C HIS A 296 -4.92 -1.84 -23.48
N ALA A 297 -4.10 -2.29 -24.43
CA ALA A 297 -3.79 -3.71 -24.59
C ALA A 297 -2.92 -4.21 -23.44
N SER A 298 -1.94 -3.40 -23.04
CA SER A 298 -1.17 -3.77 -21.88
C SER A 298 -2.08 -4.01 -20.66
N ILE A 299 -3.15 -3.22 -20.51
CA ILE A 299 -4.10 -3.43 -19.42
C ILE A 299 -4.92 -4.71 -19.63
N ASP A 300 -5.47 -4.91 -20.82
CA ASP A 300 -6.16 -6.17 -21.17
C ASP A 300 -5.25 -7.39 -21.01
N ALA A 301 -3.92 -7.18 -21.08
CA ALA A 301 -2.96 -8.25 -20.89
C ALA A 301 -2.94 -8.78 -19.46
N GLN A 302 -3.47 -8.02 -18.49
CA GLN A 302 -3.52 -8.45 -17.11
C GLN A 302 -4.91 -9.01 -16.78
N GLN B 1 9.60 -24.69 -17.17
CA GLN B 1 9.96 -23.35 -17.70
C GLN B 1 10.36 -22.44 -16.53
N LYS B 2 11.67 -22.15 -16.43
CA LYS B 2 12.19 -21.20 -15.45
C LYS B 2 12.16 -19.81 -16.07
N GLU B 3 11.03 -19.11 -15.86
CA GLU B 3 10.84 -17.75 -16.36
C GLU B 3 11.72 -16.76 -15.57
N ARG B 4 12.03 -15.62 -16.18
CA ARG B 4 12.85 -14.61 -15.54
C ARG B 4 12.06 -13.31 -15.38
N LEU B 5 11.91 -12.88 -14.11
CA LEU B 5 10.93 -11.88 -13.74
C LEU B 5 11.60 -10.64 -13.17
N LEU B 6 12.83 -10.79 -12.69
CA LEU B 6 13.66 -9.64 -12.38
C LEU B 6 14.43 -9.22 -13.62
N ASP B 7 14.44 -7.91 -13.90
CA ASP B 7 15.30 -7.39 -14.94
C ASP B 7 16.76 -7.54 -14.53
N GLU B 8 17.13 -7.16 -13.30
CA GLU B 8 18.47 -7.42 -12.82
C GLU B 8 18.38 -8.03 -11.43
N LEU B 9 19.44 -8.74 -11.03
CA LEU B 9 19.49 -9.43 -9.75
C LEU B 9 20.02 -8.50 -8.66
N THR B 10 19.25 -7.42 -8.43
CA THR B 10 19.63 -6.40 -7.46
C THR B 10 18.39 -6.00 -6.69
N LEU B 11 18.59 -5.19 -5.66
CA LEU B 11 17.50 -4.73 -4.83
C LEU B 11 16.50 -3.94 -5.68
N GLU B 12 17.04 -3.20 -6.64
CA GLU B 12 16.27 -2.26 -7.45
C GLU B 12 15.43 -3.08 -8.41
N GLY B 13 16.05 -4.13 -8.98
CA GLY B 13 15.30 -5.16 -9.70
C GLY B 13 14.04 -5.54 -8.94
N VAL B 14 14.26 -6.06 -7.72
CA VAL B 14 13.19 -6.54 -6.88
C VAL B 14 12.15 -5.44 -6.69
N ALA B 15 12.61 -4.26 -6.26
CA ALA B 15 11.77 -3.08 -6.14
C ALA B 15 10.92 -2.83 -7.37
N ARG B 16 11.58 -2.76 -8.53
CA ARG B 16 10.87 -2.50 -9.77
C ARG B 16 9.84 -3.60 -9.98
N TYR B 17 10.28 -4.85 -9.74
CA TYR B 17 9.46 -6.04 -9.89
C TYR B 17 8.29 -5.98 -8.90
N MET B 18 8.56 -5.54 -7.67
CA MET B 18 7.52 -5.33 -6.69
C MET B 18 6.55 -4.22 -7.13
N GLN B 19 6.89 -3.41 -8.14
CA GLN B 19 6.03 -2.29 -8.50
C GLN B 19 5.16 -2.59 -9.71
N SER B 20 5.02 -3.87 -10.05
CA SER B 20 4.33 -4.30 -11.26
C SER B 20 3.05 -5.01 -10.86
N GLU B 21 2.08 -5.07 -11.78
CA GLU B 21 0.79 -5.68 -11.53
C GLU B 21 0.94 -7.17 -11.27
N ARG B 22 2.04 -7.76 -11.77
CA ARG B 22 2.36 -9.16 -11.56
C ARG B 22 2.53 -9.52 -10.08
N CYS B 23 3.40 -8.80 -9.36
CA CYS B 23 3.83 -9.10 -8.00
C CYS B 23 2.78 -8.69 -6.97
N ARG B 24 1.83 -9.58 -6.65
CA ARG B 24 0.68 -9.25 -5.84
C ARG B 24 0.70 -10.00 -4.50
N ARG B 25 1.54 -11.04 -4.37
CA ARG B 25 1.51 -11.90 -3.20
C ARG B 25 2.94 -12.12 -2.69
N VAL B 26 3.20 -11.73 -1.43
CA VAL B 26 4.51 -11.95 -0.85
C VAL B 26 4.36 -12.78 0.43
N ILE B 27 5.23 -13.78 0.53
CA ILE B 27 5.52 -14.47 1.75
C ILE B 27 6.86 -13.96 2.26
N CYS B 28 6.94 -13.68 3.56
CA CYS B 28 8.22 -13.49 4.22
C CYS B 28 8.57 -14.71 5.05
N LEU B 29 9.85 -15.06 5.07
CA LEU B 29 10.41 -16.06 5.96
C LEU B 29 11.41 -15.37 6.89
N VAL B 30 11.15 -15.36 8.20
CA VAL B 30 11.98 -14.59 9.12
C VAL B 30 12.55 -15.48 10.23
N GLY B 31 13.68 -15.01 10.79
CA GLY B 31 14.38 -15.66 11.88
C GLY B 31 14.86 -14.66 12.93
N ALA B 32 15.84 -15.09 13.75
CA ALA B 32 16.22 -14.36 14.96
C ALA B 32 16.90 -13.02 14.65
N GLY B 33 17.55 -12.94 13.47
CA GLY B 33 18.21 -11.73 13.00
C GLY B 33 17.32 -10.48 13.00
N ILE B 34 16.02 -10.63 12.73
CA ILE B 34 15.15 -9.48 12.58
C ILE B 34 14.71 -8.96 13.96
N SER B 35 15.21 -9.61 15.01
CA SER B 35 14.87 -9.22 16.36
C SER B 35 16.12 -8.85 17.17
N THR B 36 17.35 -9.00 16.62
CA THR B 36 18.52 -8.72 17.45
C THR B 36 18.58 -7.24 17.83
N SER B 37 18.11 -6.34 16.97
CA SER B 37 18.13 -4.92 17.28
C SER B 37 16.99 -4.57 18.23
N ALA B 38 16.25 -5.56 18.67
CA ALA B 38 15.22 -5.35 19.68
C ALA B 38 15.69 -5.79 21.06
N GLY B 39 16.93 -6.30 21.18
CA GLY B 39 17.48 -6.74 22.45
C GLY B 39 17.58 -8.26 22.57
N ILE B 40 16.96 -9.02 21.67
CA ILE B 40 16.93 -10.46 21.82
C ILE B 40 18.03 -11.03 20.94
N PRO B 41 19.01 -11.77 21.48
CA PRO B 41 20.05 -12.37 20.65
C PRO B 41 19.63 -13.63 19.88
N ASP B 42 20.42 -13.97 18.86
CA ASP B 42 20.17 -15.12 18.01
C ASP B 42 20.89 -16.35 18.60
N PHE B 43 21.05 -17.41 17.78
CA PHE B 43 21.75 -18.62 18.17
C PHE B 43 23.17 -18.70 17.59
N ARG B 44 23.40 -18.09 16.42
CA ARG B 44 24.66 -18.34 15.71
C ARG B 44 25.61 -17.16 15.91
N SER B 45 25.15 -15.92 15.72
CA SER B 45 26.06 -14.79 15.75
C SER B 45 27.07 -14.95 16.88
N PRO B 46 28.41 -14.90 16.60
CA PRO B 46 29.42 -15.05 17.64
C PRO B 46 29.38 -13.97 18.72
N SER B 47 29.75 -14.37 19.95
CA SER B 47 29.79 -13.49 21.12
C SER B 47 28.40 -13.09 21.61
N THR B 48 27.43 -12.96 20.69
CA THR B 48 26.04 -12.67 21.04
C THR B 48 25.16 -13.92 20.87
N GLY B 49 25.74 -15.04 20.39
CA GLY B 49 25.00 -16.27 20.15
C GLY B 49 24.72 -17.06 21.44
N LEU B 50 23.52 -17.64 21.51
CA LEU B 50 23.07 -18.42 22.67
C LEU B 50 23.64 -19.85 22.58
N LYS B 56 28.00 -23.01 31.44
CA LYS B 56 27.35 -22.79 32.78
C LYS B 56 26.45 -23.99 33.09
N TYR B 57 25.40 -24.16 32.28
CA TYR B 57 24.44 -25.24 32.46
C TYR B 57 25.10 -26.57 32.10
N HIS B 58 26.23 -26.50 31.38
CA HIS B 58 27.01 -27.67 31.04
C HIS B 58 26.09 -28.84 30.68
N LEU B 59 25.25 -28.62 29.66
CA LEU B 59 24.42 -29.68 29.11
C LEU B 59 25.34 -30.65 28.35
N PRO B 60 24.82 -31.74 27.75
CA PRO B 60 25.67 -32.71 27.06
C PRO B 60 25.91 -32.41 25.57
N TYR B 61 25.43 -31.25 25.10
CA TYR B 61 25.69 -30.79 23.74
C TYR B 61 25.28 -29.32 23.65
N PRO B 62 25.78 -28.55 22.65
CA PRO B 62 25.04 -27.40 22.16
C PRO B 62 23.63 -27.80 21.73
N GLU B 63 22.71 -26.83 21.73
CA GLU B 63 21.29 -27.14 21.80
C GLU B 63 21.09 -27.97 23.07
N ALA B 64 20.20 -28.97 23.03
CA ALA B 64 20.00 -29.91 24.13
C ALA B 64 19.33 -29.24 25.33
N ILE B 65 19.30 -27.90 25.36
CA ILE B 65 18.50 -27.17 26.35
C ILE B 65 17.17 -26.79 25.71
N PHE B 66 17.16 -26.79 24.36
CA PHE B 66 15.95 -26.56 23.58
C PHE B 66 15.50 -27.87 22.94
N GLU B 67 16.07 -29.01 23.36
CA GLU B 67 15.54 -30.33 23.05
C GLU B 67 14.35 -30.62 23.97
N ILE B 68 13.36 -31.40 23.50
CA ILE B 68 12.19 -31.71 24.31
C ILE B 68 12.51 -32.86 25.28
N SER B 69 13.32 -33.84 24.81
CA SER B 69 13.74 -34.96 25.64
C SER B 69 14.37 -34.44 26.94
N TYR B 70 15.44 -33.64 26.81
CA TYR B 70 16.21 -33.11 27.94
C TYR B 70 15.36 -32.17 28.78
N PHE B 71 14.58 -31.30 28.13
CA PHE B 71 13.75 -30.34 28.83
C PHE B 71 12.89 -31.00 29.90
N LYS B 72 12.34 -32.17 29.59
CA LYS B 72 11.37 -32.85 30.44
C LYS B 72 12.05 -33.82 31.41
N LYS B 73 13.33 -34.10 31.17
CA LYS B 73 14.20 -34.72 32.17
C LYS B 73 14.85 -33.62 33.02
N HIS B 74 14.89 -32.38 32.51
CA HIS B 74 15.61 -31.29 33.14
C HIS B 74 15.08 -29.96 32.61
N PRO B 75 14.06 -29.35 33.27
CA PRO B 75 13.50 -28.07 32.82
C PRO B 75 14.17 -26.83 33.41
N GLU B 76 15.13 -27.00 34.32
CA GLU B 76 15.63 -25.89 35.10
C GLU B 76 16.54 -25.01 34.24
N PRO B 77 17.47 -25.57 33.43
CA PRO B 77 18.39 -24.77 32.63
C PRO B 77 17.67 -23.78 31.71
N PHE B 78 16.72 -24.31 30.92
CA PHE B 78 15.90 -23.57 29.98
C PHE B 78 15.23 -22.40 30.71
N PHE B 79 14.60 -22.72 31.84
CA PHE B 79 13.88 -21.74 32.64
C PHE B 79 14.87 -20.76 33.27
N ALA B 80 16.13 -21.18 33.48
CA ALA B 80 17.16 -20.29 33.99
C ALA B 80 17.57 -19.30 32.90
N LEU B 81 17.82 -19.84 31.69
CA LEU B 81 18.15 -19.04 30.52
C LEU B 81 17.05 -18.01 30.28
N ALA B 82 15.78 -18.43 30.48
CA ALA B 82 14.63 -17.57 30.24
C ALA B 82 14.59 -16.41 31.23
N LYS B 83 15.23 -16.56 32.40
CA LYS B 83 15.39 -15.46 33.34
C LYS B 83 16.42 -14.47 32.76
N GLU B 84 17.56 -15.01 32.28
CA GLU B 84 18.66 -14.21 31.77
C GLU B 84 18.20 -13.32 30.60
N LEU B 85 17.18 -13.75 29.85
CA LEU B 85 16.88 -13.14 28.56
C LEU B 85 15.62 -12.27 28.60
N TYR B 86 14.55 -12.78 29.20
CA TYR B 86 13.22 -12.20 29.04
C TYR B 86 13.31 -10.69 28.89
N PRO B 87 12.85 -10.10 27.74
CA PRO B 87 12.97 -8.67 27.51
C PRO B 87 12.06 -7.85 28.43
N GLY B 88 12.54 -6.66 28.81
CA GLY B 88 11.79 -5.76 29.67
C GLY B 88 10.80 -4.92 28.87
N GLN B 89 11.03 -4.81 27.56
CA GLN B 89 10.09 -4.16 26.68
C GLN B 89 10.07 -4.85 25.32
N PHE B 90 8.84 -5.05 24.84
CA PHE B 90 8.58 -5.68 23.57
C PHE B 90 8.38 -4.58 22.52
N LYS B 91 9.48 -4.15 21.91
CA LYS B 91 9.41 -3.11 20.88
C LYS B 91 9.85 -3.76 19.56
N PRO B 92 8.95 -3.84 18.53
CA PRO B 92 9.32 -4.39 17.23
C PRO B 92 10.28 -3.49 16.47
N THR B 93 11.02 -4.09 15.54
CA THR B 93 12.05 -3.44 14.72
C THR B 93 11.43 -2.76 13.50
N ILE B 94 12.27 -1.98 12.80
CA ILE B 94 11.89 -1.43 11.49
C ILE B 94 11.38 -2.55 10.60
N CYS B 95 12.09 -3.68 10.68
CA CYS B 95 11.86 -4.84 9.85
C CYS B 95 10.48 -5.43 10.11
N HIS B 96 10.09 -5.48 11.40
CA HIS B 96 8.77 -5.94 11.75
C HIS B 96 7.75 -5.01 11.11
N TYR B 97 7.96 -3.72 11.30
CA TYR B 97 7.00 -2.74 10.81
C TYR B 97 7.02 -2.73 9.29
N PHE B 98 8.13 -3.19 8.69
CA PHE B 98 8.21 -3.19 7.23
C PHE B 98 7.21 -4.21 6.70
N MET B 99 7.07 -5.31 7.45
CA MET B 99 6.18 -6.38 7.06
C MET B 99 4.74 -5.93 7.31
N ARG B 100 4.55 -5.12 8.36
CA ARG B 100 3.28 -4.46 8.61
C ARG B 100 2.95 -3.53 7.46
N LEU B 101 3.97 -2.89 6.90
CA LEU B 101 3.75 -2.01 5.77
C LEU B 101 3.22 -2.83 4.60
N LEU B 102 3.82 -4.00 4.38
CA LEU B 102 3.43 -4.89 3.29
C LEU B 102 1.98 -5.34 3.44
N LYS B 103 1.60 -5.71 4.66
CA LYS B 103 0.22 -5.99 5.00
C LYS B 103 -0.68 -4.80 4.62
N ASP B 104 -0.31 -3.58 5.00
CA ASP B 104 -1.17 -2.43 4.82
C ASP B 104 -1.27 -2.03 3.33
N LYS B 105 -0.27 -2.42 2.53
CA LYS B 105 -0.28 -2.15 1.12
C LYS B 105 -0.83 -3.34 0.35
N GLY B 106 -1.43 -4.31 1.03
CA GLY B 106 -2.13 -5.41 0.37
C GLY B 106 -1.16 -6.37 -0.33
N LEU B 107 0.11 -6.37 0.09
CA LEU B 107 1.12 -7.19 -0.53
C LEU B 107 1.44 -8.47 0.27
N LEU B 108 0.89 -8.61 1.49
CA LEU B 108 1.31 -9.70 2.38
C LEU B 108 0.34 -10.88 2.35
N LEU B 109 0.88 -12.00 1.90
CA LEU B 109 0.17 -13.27 1.94
C LEU B 109 0.33 -13.90 3.32
N ARG B 110 1.56 -13.89 3.82
CA ARG B 110 1.84 -14.60 5.06
C ARG B 110 3.25 -14.28 5.50
N CYS B 111 3.43 -14.18 6.82
CA CYS B 111 4.75 -14.23 7.37
C CYS B 111 4.90 -15.56 8.10
N TYR B 112 5.83 -16.40 7.65
CA TYR B 112 6.26 -17.57 8.37
C TYR B 112 7.47 -17.20 9.23
N THR B 113 7.30 -17.17 10.57
CA THR B 113 8.37 -16.81 11.49
C THR B 113 8.82 -18.02 12.33
N GLN B 114 10.11 -18.04 12.69
CA GLN B 114 10.67 -18.99 13.63
C GLN B 114 10.78 -18.42 15.05
N ASN B 115 10.49 -17.12 15.20
CA ASN B 115 10.67 -16.44 16.47
C ASN B 115 9.43 -16.68 17.30
N ILE B 116 9.57 -16.41 18.60
CA ILE B 116 8.52 -16.72 19.56
C ILE B 116 8.18 -15.49 20.42
N ASP B 117 8.89 -14.37 20.15
CA ASP B 117 8.85 -13.14 20.94
C ASP B 117 7.53 -12.37 20.73
N THR B 118 6.71 -12.82 19.80
CA THR B 118 5.44 -12.22 19.42
C THR B 118 5.59 -10.79 18.88
N LEU B 119 6.79 -10.37 18.45
CA LEU B 119 6.99 -9.03 17.92
C LEU B 119 6.22 -8.81 16.61
N GLU B 120 5.92 -9.90 15.87
CA GLU B 120 5.08 -9.81 14.69
C GLU B 120 3.67 -9.34 15.07
N ARG B 121 3.11 -9.93 16.12
CA ARG B 121 1.75 -9.61 16.53
C ARG B 121 1.69 -8.17 17.03
N ILE B 122 2.74 -7.76 17.75
CA ILE B 122 2.88 -6.44 18.33
C ILE B 122 3.04 -5.38 17.24
N ALA B 123 3.66 -5.75 16.12
CA ALA B 123 3.72 -4.82 14.99
C ALA B 123 2.34 -4.68 14.34
N GLY B 124 1.39 -5.57 14.68
CA GLY B 124 0.02 -5.46 14.21
C GLY B 124 -0.36 -6.49 13.15
N LEU B 125 0.57 -7.38 12.76
CA LEU B 125 0.22 -8.57 11.99
C LEU B 125 -0.81 -9.40 12.78
N GLU B 126 -1.83 -9.90 12.07
CA GLU B 126 -2.88 -10.69 12.71
C GLU B 126 -2.46 -12.16 12.79
N GLN B 127 -3.33 -12.99 13.38
CA GLN B 127 -3.05 -14.42 13.44
C GLN B 127 -3.16 -14.99 12.02
N GLU B 128 -4.17 -14.54 11.25
CA GLU B 128 -4.39 -15.01 9.89
C GLU B 128 -3.15 -14.78 9.03
N ASP B 129 -2.44 -13.69 9.30
CA ASP B 129 -1.27 -13.31 8.51
C ASP B 129 -0.07 -14.12 8.92
N LEU B 130 -0.19 -14.89 10.02
CA LEU B 130 0.97 -15.46 10.68
C LEU B 130 0.96 -16.99 10.66
N VAL B 131 2.17 -17.55 10.66
CA VAL B 131 2.40 -18.96 10.85
C VAL B 131 3.62 -19.06 11.76
N GLU B 132 3.35 -19.31 13.04
CA GLU B 132 4.37 -19.31 14.06
C GLU B 132 4.94 -20.71 14.08
N ALA B 133 6.06 -20.88 13.35
CA ALA B 133 6.62 -22.18 13.06
C ALA B 133 7.40 -22.72 14.25
N ALA B 134 7.56 -21.89 15.27
CA ALA B 134 8.16 -22.37 16.49
C ALA B 134 7.24 -22.07 17.67
N GLY B 135 5.94 -21.88 17.36
CA GLY B 135 4.94 -21.51 18.36
C GLY B 135 5.19 -20.12 18.94
N THR B 136 5.26 -20.04 20.26
CA THR B 136 5.11 -18.74 20.90
C THR B 136 5.32 -18.92 22.41
N PHE B 137 5.97 -17.93 23.03
CA PHE B 137 6.06 -17.83 24.47
C PHE B 137 4.82 -17.18 25.06
N TYR B 138 3.82 -16.84 24.23
CA TYR B 138 2.69 -16.00 24.63
C TYR B 138 1.76 -16.74 25.59
N THR B 139 1.31 -17.93 25.19
CA THR B 139 0.52 -18.79 26.05
C THR B 139 1.40 -19.97 26.50
N SER B 140 1.11 -20.51 27.69
CA SER B 140 1.80 -21.65 28.28
C SER B 140 0.81 -22.80 28.49
N HIS B 141 1.29 -24.06 28.47
CA HIS B 141 0.40 -25.19 28.73
C HIS B 141 1.02 -26.20 29.68
N CYS B 142 0.16 -26.70 30.59
CA CYS B 142 0.44 -27.83 31.47
C CYS B 142 0.60 -29.08 30.60
N VAL B 143 1.71 -29.80 30.78
CA VAL B 143 2.08 -30.88 29.87
C VAL B 143 1.09 -32.04 29.97
N SER B 144 0.49 -32.25 31.14
CA SER B 144 -0.43 -33.36 31.31
C SER B 144 -1.61 -33.19 30.34
N ALA B 145 -1.88 -34.25 29.56
CA ALA B 145 -3.00 -34.29 28.63
C ALA B 145 -4.30 -34.29 29.42
N SER B 146 -4.33 -35.05 30.51
CA SER B 146 -5.51 -35.18 31.34
C SER B 146 -6.08 -33.80 31.71
N CYS B 147 -5.26 -32.74 31.73
CA CYS B 147 -5.67 -31.43 32.23
C CYS B 147 -5.48 -30.35 31.15
N ARG B 148 -4.23 -30.17 30.67
CA ARG B 148 -3.85 -29.20 29.65
C ARG B 148 -4.39 -27.80 29.94
N HIS B 149 -4.25 -27.35 31.19
CA HIS B 149 -4.61 -26.01 31.66
C HIS B 149 -3.71 -24.93 31.05
N GLU B 150 -4.32 -23.83 30.55
CA GLU B 150 -3.60 -22.70 29.96
C GLU B 150 -3.18 -21.67 31.03
N TYR B 151 -1.93 -21.19 30.92
CA TYR B 151 -1.39 -20.15 31.78
C TYR B 151 -0.96 -18.97 30.90
N PRO B 152 -1.31 -17.71 31.30
CA PRO B 152 -0.81 -16.52 30.62
C PRO B 152 0.66 -16.21 30.86
N LEU B 153 1.20 -15.26 30.06
CA LEU B 153 2.61 -14.94 29.99
C LEU B 153 3.08 -14.18 31.23
N SER B 154 2.13 -13.69 32.04
CA SER B 154 2.43 -12.93 33.25
C SER B 154 2.57 -13.86 34.46
N TRP B 155 1.71 -14.90 34.53
CA TRP B 155 1.89 -16.04 35.41
C TRP B 155 3.26 -16.65 35.15
N MET B 156 3.53 -16.89 33.85
CA MET B 156 4.74 -17.55 33.41
C MET B 156 5.96 -16.73 33.83
N LYS B 157 5.94 -15.42 33.51
CA LYS B 157 6.96 -14.48 33.94
C LYS B 157 7.09 -14.52 35.47
N GLU B 158 5.94 -14.64 36.16
CA GLU B 158 5.92 -14.74 37.62
C GLU B 158 6.85 -15.89 38.05
N LYS B 159 6.58 -17.10 37.54
CA LYS B 159 7.37 -18.27 37.91
C LYS B 159 8.84 -18.08 37.49
N ILE B 160 9.07 -17.42 36.35
CA ILE B 160 10.39 -17.31 35.75
C ILE B 160 11.28 -16.31 36.50
N PHE B 161 10.73 -15.13 36.83
CA PHE B 161 11.50 -14.07 37.48
C PHE B 161 11.44 -14.28 39.00
N SER B 162 11.21 -15.53 39.42
CA SER B 162 11.20 -15.91 40.82
C SER B 162 11.88 -17.26 41.06
N GLU B 163 12.54 -17.83 40.03
CA GLU B 163 13.39 -19.00 40.18
C GLU B 163 12.58 -20.25 40.56
N VAL B 164 11.29 -20.27 40.19
CA VAL B 164 10.37 -21.33 40.57
C VAL B 164 9.93 -22.08 39.31
N THR B 165 10.52 -23.25 39.05
CA THR B 165 10.14 -24.09 37.92
C THR B 165 8.61 -24.21 37.82
N PRO B 166 7.98 -23.65 36.76
CA PRO B 166 6.52 -23.61 36.68
C PRO B 166 5.84 -24.98 36.82
N LYS B 167 4.80 -25.02 37.66
CA LYS B 167 4.07 -26.24 38.02
C LYS B 167 2.58 -25.90 37.97
N CYS B 168 1.77 -26.78 37.34
CA CYS B 168 0.35 -26.55 37.18
C CYS B 168 -0.35 -26.46 38.55
N GLU B 169 -1.34 -25.57 38.65
CA GLU B 169 -1.98 -25.28 39.93
C GLU B 169 -2.90 -26.42 40.33
N ASP B 170 -3.32 -27.24 39.36
CA ASP B 170 -4.25 -28.32 39.61
C ASP B 170 -3.50 -29.63 39.80
N CYS B 171 -2.74 -30.03 38.78
CA CYS B 171 -2.22 -31.38 38.66
C CYS B 171 -0.72 -31.43 38.94
N GLN B 172 -0.12 -30.26 39.22
CA GLN B 172 1.27 -30.17 39.68
C GLN B 172 2.27 -30.62 38.62
N SER B 173 1.82 -30.74 37.35
CA SER B 173 2.70 -31.08 36.23
C SER B 173 3.54 -29.89 35.84
N LEU B 174 4.58 -30.13 35.02
CA LEU B 174 5.37 -29.10 34.34
C LEU B 174 4.53 -28.26 33.38
N VAL B 175 4.69 -26.93 33.48
CA VAL B 175 4.02 -25.99 32.59
C VAL B 175 5.04 -25.42 31.59
N LYS B 176 4.79 -25.73 30.31
CA LYS B 176 5.67 -25.39 29.19
C LYS B 176 5.09 -24.18 28.48
N PRO B 177 5.91 -23.13 28.17
CA PRO B 177 5.52 -22.13 27.19
C PRO B 177 5.33 -22.85 25.86
N ASP B 178 4.27 -22.54 25.13
CA ASP B 178 3.92 -23.44 24.03
C ASP B 178 4.71 -23.06 22.78
N ILE B 179 6.04 -23.11 22.95
CA ILE B 179 7.02 -23.04 21.88
C ILE B 179 7.26 -24.47 21.40
N VAL B 180 7.65 -24.63 20.13
CA VAL B 180 7.92 -25.94 19.57
C VAL B 180 9.41 -26.22 19.79
N PHE B 181 9.73 -27.02 20.82
CA PHE B 181 11.10 -27.46 21.08
C PHE B 181 11.54 -28.47 20.03
N PHE B 182 12.87 -28.62 19.92
CA PHE B 182 13.48 -29.63 19.08
C PHE B 182 13.02 -31.01 19.52
N GLY B 183 12.42 -31.76 18.59
CA GLY B 183 11.88 -33.08 18.89
C GLY B 183 10.36 -33.11 18.77
N GLU B 184 9.73 -31.93 18.86
CA GLU B 184 8.30 -31.83 18.68
C GLU B 184 7.95 -31.64 17.21
N SER B 185 6.71 -32.00 16.85
CA SER B 185 6.14 -31.66 15.55
C SER B 185 5.80 -30.18 15.50
N LEU B 186 5.79 -29.62 14.29
CA LEU B 186 5.36 -28.25 14.06
C LEU B 186 3.84 -28.23 13.97
N PRO B 187 3.16 -27.11 14.35
CA PRO B 187 1.71 -27.03 14.31
C PRO B 187 1.13 -27.41 12.95
N ALA B 188 -0.10 -27.92 12.95
CA ALA B 188 -0.77 -28.30 11.73
C ALA B 188 -0.93 -27.10 10.79
N ARG B 189 -1.09 -25.88 11.34
CA ARG B 189 -1.25 -24.69 10.51
C ARG B 189 -0.06 -24.51 9.55
N PHE B 190 1.13 -24.93 9.98
CA PHE B 190 2.30 -24.80 9.13
C PHE B 190 2.06 -25.52 7.81
N PHE B 191 1.82 -26.84 7.84
CA PHE B 191 1.77 -27.64 6.63
C PHE B 191 0.56 -27.27 5.78
N SER B 192 -0.62 -27.14 6.43
CA SER B 192 -1.83 -26.75 5.74
C SER B 192 -1.58 -25.48 4.94
N CYS B 193 -1.05 -24.45 5.61
CA CYS B 193 -0.80 -23.17 4.99
C CYS B 193 0.22 -23.28 3.85
N MET B 194 1.25 -24.10 4.03
CA MET B 194 2.36 -24.13 3.09
C MET B 194 1.97 -24.90 1.83
N GLN B 195 0.97 -25.79 1.91
CA GLN B 195 0.44 -26.41 0.70
C GLN B 195 -0.43 -25.43 -0.09
N SER B 196 -0.89 -24.33 0.51
CA SER B 196 -1.75 -23.37 -0.18
C SER B 196 -0.99 -22.10 -0.59
N ASP B 197 -0.14 -21.55 0.30
CA ASP B 197 0.59 -20.32 0.06
C ASP B 197 1.54 -20.43 -1.13
N PHE B 198 2.37 -21.48 -1.17
CA PHE B 198 3.47 -21.55 -2.11
C PHE B 198 3.00 -21.75 -3.56
N LEU B 199 1.71 -21.99 -3.78
CA LEU B 199 1.20 -22.03 -5.13
C LEU B 199 0.94 -20.61 -5.66
N LYS B 200 0.74 -19.60 -4.79
CA LYS B 200 0.27 -18.31 -5.28
C LYS B 200 1.22 -17.17 -4.94
N VAL B 201 2.36 -17.48 -4.33
CA VAL B 201 3.38 -16.49 -4.03
C VAL B 201 3.99 -15.92 -5.30
N ASP B 202 4.25 -14.62 -5.31
CA ASP B 202 4.97 -13.96 -6.38
C ASP B 202 6.42 -13.59 -6.01
N LEU B 203 6.71 -13.51 -4.70
CA LEU B 203 8.01 -13.15 -4.20
C LEU B 203 8.25 -13.76 -2.82
N LEU B 204 9.46 -14.28 -2.62
CA LEU B 204 9.92 -14.70 -1.30
C LEU B 204 10.83 -13.63 -0.68
N LEU B 205 10.49 -13.13 0.52
CA LEU B 205 11.37 -12.22 1.25
C LEU B 205 11.87 -12.89 2.53
N VAL B 206 13.16 -13.21 2.55
CA VAL B 206 13.77 -14.00 3.62
C VAL B 206 14.77 -13.11 4.37
N MET B 207 14.62 -13.06 5.69
CA MET B 207 15.25 -12.02 6.48
C MET B 207 15.74 -12.63 7.80
N GLY B 208 17.04 -12.46 8.06
CA GLY B 208 17.63 -12.73 9.36
C GLY B 208 17.57 -14.20 9.76
N THR B 209 17.93 -15.11 8.86
CA THR B 209 17.96 -16.51 9.25
C THR B 209 19.11 -17.20 8.53
N SER B 210 19.80 -18.09 9.25
CA SER B 210 20.85 -18.93 8.69
C SER B 210 20.29 -20.10 7.89
N LEU B 211 18.98 -20.40 8.04
CA LEU B 211 18.33 -21.44 7.26
C LEU B 211 19.01 -22.78 7.51
N GLN B 212 19.18 -23.12 8.78
CA GLN B 212 19.85 -24.34 9.18
C GLN B 212 18.84 -25.28 9.83
N VAL B 213 17.71 -24.75 10.32
CA VAL B 213 16.72 -25.59 10.98
C VAL B 213 15.66 -26.04 9.98
N GLN B 214 15.32 -27.33 10.04
CA GLN B 214 14.31 -27.93 9.17
C GLN B 214 13.07 -28.28 10.01
N PRO B 215 11.88 -28.42 9.42
CA PRO B 215 11.66 -28.24 8.00
C PRO B 215 11.73 -26.78 7.53
N PHE B 216 11.71 -25.82 8.46
CA PHE B 216 11.60 -24.42 8.08
C PHE B 216 12.40 -24.14 6.80
N ALA B 217 13.71 -24.42 6.82
CA ALA B 217 14.62 -24.04 5.74
C ALA B 217 14.08 -24.47 4.38
N SER B 218 13.49 -25.66 4.33
CA SER B 218 13.01 -26.23 3.09
C SER B 218 11.88 -25.41 2.47
N LEU B 219 11.38 -24.38 3.14
CA LEU B 219 10.34 -23.56 2.53
C LEU B 219 10.81 -22.91 1.24
N ILE B 220 12.11 -22.59 1.12
CA ILE B 220 12.63 -21.93 -0.06
C ILE B 220 12.36 -22.75 -1.32
N SER B 221 12.44 -24.08 -1.21
N SER B 221 12.42 -24.08 -1.21
CA SER B 221 12.20 -24.99 -2.32
CA SER B 221 12.17 -24.95 -2.35
C SER B 221 10.70 -25.21 -2.57
C SER B 221 10.67 -25.03 -2.68
N LYS B 222 9.80 -24.77 -1.69
CA LYS B 222 8.36 -24.97 -1.91
C LYS B 222 7.82 -23.93 -2.90
N ALA B 223 8.60 -22.87 -3.14
CA ALA B 223 8.24 -21.81 -4.08
C ALA B 223 8.32 -22.33 -5.51
N PRO B 224 7.50 -21.82 -6.45
CA PRO B 224 7.75 -22.04 -7.88
C PRO B 224 9.15 -21.57 -8.31
N LEU B 225 9.64 -22.12 -9.41
CA LEU B 225 11.01 -21.83 -9.85
C LEU B 225 11.08 -20.44 -10.46
N SER B 226 9.93 -19.95 -10.92
N SER B 226 9.95 -19.91 -10.91
CA SER B 226 9.83 -18.62 -11.49
CA SER B 226 9.91 -18.57 -11.47
C SER B 226 9.88 -17.51 -10.42
C SER B 226 10.01 -17.50 -10.38
N THR B 227 9.58 -17.85 -9.16
CA THR B 227 9.42 -16.88 -8.08
C THR B 227 10.76 -16.27 -7.59
N PRO B 228 10.99 -14.95 -7.74
CA PRO B 228 12.21 -14.32 -7.22
C PRO B 228 12.36 -14.50 -5.71
N ARG B 229 13.62 -14.65 -5.25
CA ARG B 229 13.89 -14.83 -3.84
C ARG B 229 14.96 -13.85 -3.37
N LEU B 230 14.57 -12.98 -2.42
CA LEU B 230 15.46 -11.96 -1.89
C LEU B 230 15.81 -12.25 -0.42
N LEU B 231 17.10 -12.22 -0.11
CA LEU B 231 17.59 -12.47 1.23
C LEU B 231 18.17 -11.15 1.73
N ILE B 232 17.71 -10.73 2.90
CA ILE B 232 18.30 -9.62 3.62
C ILE B 232 18.90 -10.22 4.89
N ASN B 233 20.22 -10.18 5.01
CA ASN B 233 20.89 -10.97 6.01
C ASN B 233 22.33 -10.47 6.14
N LYS B 234 22.91 -10.50 7.34
CA LYS B 234 24.32 -10.16 7.49
C LYS B 234 25.16 -11.06 6.58
N GLU B 235 24.87 -12.37 6.58
CA GLU B 235 25.61 -13.37 5.81
C GLU B 235 24.68 -13.99 4.77
N LYS B 236 25.29 -14.55 3.72
CA LYS B 236 24.54 -15.38 2.79
C LYS B 236 24.06 -16.64 3.52
N ALA B 237 23.00 -17.28 2.99
CA ALA B 237 22.43 -18.49 3.56
C ALA B 237 21.48 -19.13 2.57
N GLY B 238 21.23 -20.43 2.76
CA GLY B 238 20.36 -21.21 1.90
C GLY B 238 21.11 -21.85 0.73
N GLN B 239 22.45 -21.72 0.70
CA GLN B 239 23.27 -22.26 -0.38
C GLN B 239 23.76 -23.66 0.00
N SER B 240 22.94 -24.69 -0.26
CA SER B 240 23.28 -26.05 0.10
C SER B 240 24.76 -26.33 -0.22
N GLY B 252 15.58 -26.52 -4.93
CA GLY B 252 15.95 -25.11 -5.19
C GLY B 252 16.73 -24.49 -4.03
N GLY B 253 17.97 -24.95 -3.80
CA GLY B 253 18.88 -24.20 -2.97
C GLY B 253 18.94 -22.77 -3.47
N MET B 254 19.41 -21.84 -2.65
CA MET B 254 19.67 -20.49 -3.11
C MET B 254 20.89 -20.48 -4.05
N ASP B 255 20.72 -19.91 -5.26
CA ASP B 255 21.80 -19.64 -6.19
C ASP B 255 21.83 -18.15 -6.51
N PHE B 256 22.73 -17.43 -5.83
CA PHE B 256 23.00 -16.05 -6.13
C PHE B 256 24.16 -15.93 -7.11
N ASP B 257 25.16 -16.81 -6.97
CA ASP B 257 26.51 -16.54 -7.43
C ASP B 257 26.85 -17.23 -8.76
N SER B 258 26.19 -18.34 -9.10
CA SER B 258 26.69 -19.13 -10.23
C SER B 258 26.25 -18.50 -11.54
N LYS B 259 26.80 -19.04 -12.63
CA LYS B 259 26.45 -18.59 -13.96
C LYS B 259 24.96 -18.81 -14.18
N LYS B 260 24.41 -19.82 -13.48
CA LYS B 260 23.03 -20.21 -13.65
C LYS B 260 22.09 -19.37 -12.79
N ALA B 261 22.66 -18.43 -12.03
CA ALA B 261 21.84 -17.53 -11.23
C ALA B 261 20.83 -16.83 -12.13
N TYR B 262 19.56 -16.85 -11.72
CA TYR B 262 18.52 -16.21 -12.53
C TYR B 262 17.50 -15.44 -11.67
N ARG B 263 17.37 -15.71 -10.37
CA ARG B 263 16.21 -15.24 -9.63
C ARG B 263 16.52 -14.85 -8.18
N ASP B 264 17.63 -15.35 -7.64
CA ASP B 264 17.98 -15.15 -6.25
C ASP B 264 18.90 -13.93 -6.16
N VAL B 265 18.65 -13.05 -5.18
CA VAL B 265 19.39 -11.82 -4.89
C VAL B 265 19.71 -11.81 -3.40
N ALA B 266 20.95 -11.43 -3.07
CA ALA B 266 21.34 -11.30 -1.67
C ALA B 266 21.62 -9.83 -1.35
N TRP B 267 21.24 -9.39 -0.16
CA TRP B 267 21.57 -8.05 0.33
C TRP B 267 22.17 -8.17 1.73
N LEU B 268 23.43 -7.75 1.87
CA LEU B 268 24.29 -8.21 2.95
C LEU B 268 24.62 -7.06 3.90
N GLY B 269 23.79 -6.96 4.93
CA GLY B 269 23.91 -5.98 5.98
C GLY B 269 22.93 -6.33 7.11
N GLU B 270 22.56 -5.31 7.89
CA GLU B 270 21.60 -5.47 8.96
C GLU B 270 20.20 -5.54 8.39
N CYS B 271 19.28 -6.24 9.06
CA CYS B 271 17.93 -6.41 8.53
C CYS B 271 17.22 -5.07 8.41
N ASP B 272 17.52 -4.15 9.34
CA ASP B 272 16.83 -2.87 9.39
C ASP B 272 17.24 -1.98 8.21
N GLN B 273 18.52 -1.97 7.84
CA GLN B 273 18.95 -1.14 6.73
C GLN B 273 18.26 -1.63 5.46
N GLY B 274 18.40 -2.93 5.14
CA GLY B 274 17.80 -3.51 3.95
C GLY B 274 16.32 -3.11 3.78
N CYS B 275 15.52 -3.25 4.82
CA CYS B 275 14.12 -2.84 4.78
C CYS B 275 13.98 -1.33 4.52
N LEU B 276 14.91 -0.51 5.06
CA LEU B 276 14.85 0.93 4.86
C LEU B 276 15.18 1.32 3.42
N ALA B 277 16.20 0.67 2.85
CA ALA B 277 16.60 0.92 1.47
C ALA B 277 15.58 0.35 0.49
N LEU B 278 14.78 -0.63 0.91
CA LEU B 278 13.76 -1.16 0.01
C LEU B 278 12.52 -0.27 0.09
N ALA B 279 12.15 0.09 1.32
CA ALA B 279 11.14 1.12 1.53
C ALA B 279 11.41 2.30 0.61
N GLU B 280 12.69 2.66 0.54
CA GLU B 280 13.10 3.86 -0.17
C GLU B 280 12.86 3.69 -1.67
N LEU B 281 13.38 2.59 -2.23
CA LEU B 281 13.23 2.22 -3.63
C LEU B 281 11.78 2.19 -4.07
N LEU B 282 10.84 1.92 -3.15
CA LEU B 282 9.42 1.84 -3.49
C LEU B 282 8.70 3.16 -3.20
N GLY B 283 9.46 4.12 -2.66
CA GLY B 283 8.94 5.46 -2.39
C GLY B 283 8.15 5.51 -1.10
N TRP B 284 8.62 4.77 -0.08
CA TRP B 284 7.88 4.53 1.15
C TRP B 284 8.67 4.89 2.41
N LYS B 285 9.94 5.27 2.29
CA LYS B 285 10.76 5.44 3.49
C LYS B 285 10.06 6.37 4.51
N LYS B 286 9.48 7.46 4.02
CA LYS B 286 8.74 8.38 4.86
C LYS B 286 7.59 7.65 5.56
N GLU B 287 6.76 6.92 4.81
CA GLU B 287 5.56 6.30 5.35
C GLU B 287 5.95 5.30 6.45
N LEU B 288 7.02 4.55 6.18
CA LEU B 288 7.56 3.56 7.12
C LEU B 288 8.05 4.24 8.39
N GLU B 289 8.75 5.36 8.27
CA GLU B 289 9.27 6.08 9.44
C GLU B 289 8.14 6.61 10.32
N ASP B 290 7.09 7.17 9.73
CA ASP B 290 5.93 7.58 10.52
C ASP B 290 5.32 6.38 11.23
N LEU B 291 5.34 5.21 10.58
CA LEU B 291 4.68 4.04 11.14
C LEU B 291 5.40 3.57 12.41
N VAL B 292 6.74 3.58 12.35
CA VAL B 292 7.58 3.28 13.49
C VAL B 292 7.33 4.35 14.57
N ARG B 293 7.42 5.62 14.17
CA ARG B 293 7.27 6.70 15.14
C ARG B 293 6.01 6.50 15.97
N ARG B 294 4.87 6.38 15.29
CA ARG B 294 3.55 6.32 15.90
C ARG B 294 3.36 5.01 16.69
N GLU B 295 3.76 3.88 16.10
CA GLU B 295 3.60 2.60 16.78
C GLU B 295 4.48 2.58 18.04
N HIS B 296 5.73 3.04 17.92
CA HIS B 296 6.65 2.99 19.05
C HIS B 296 6.11 3.83 20.20
N ALA B 297 5.63 5.04 19.87
CA ALA B 297 5.22 6.01 20.88
C ALA B 297 3.96 5.54 21.60
N SER B 298 3.12 4.75 20.89
CA SER B 298 1.92 4.21 21.46
C SER B 298 2.30 3.19 22.52
N ILE B 299 3.36 2.43 22.27
CA ILE B 299 3.89 1.48 23.25
C ILE B 299 4.47 2.24 24.45
N ASP B 300 5.45 3.12 24.22
CA ASP B 300 6.09 3.89 25.28
C ASP B 300 5.06 4.54 26.20
N ALA B 301 3.96 5.07 25.65
CA ALA B 301 2.98 5.81 26.42
C ALA B 301 2.19 4.93 27.40
N GLN B 302 2.44 3.60 27.41
CA GLN B 302 1.78 2.66 28.32
C GLN B 302 2.78 1.90 29.20
N ALA C 1 -7.07 24.28 7.00
CA ALA C 1 -7.23 23.88 5.58
C ALA C 1 -8.70 24.05 5.17
N PRO C 2 -9.02 24.93 4.18
CA PRO C 2 -10.41 25.19 3.74
C PRO C 2 -11.05 23.95 3.09
N ARG C 3 -12.38 24.00 2.85
CA ARG C 3 -13.18 22.78 2.98
C ARG C 3 -14.08 22.47 1.79
N LYS C 4 -14.15 21.19 1.44
CA LYS C 4 -14.93 20.75 0.30
C LYS C 4 -16.42 21.03 0.51
N GLN C 5 -17.03 21.69 -0.47
CA GLN C 5 -18.40 22.18 -0.39
C GLN C 5 -18.92 22.48 -1.79
N LEU C 6 -20.26 22.51 -1.94
CA LEU C 6 -20.88 22.79 -3.23
C LEU C 6 -21.00 24.31 -3.44
N PRO D 2 5.42 -33.99 11.65
CA PRO D 2 6.80 -34.00 11.09
C PRO D 2 7.70 -33.02 11.87
N ARG D 3 9.00 -33.30 11.86
CA ARG D 3 9.82 -33.19 13.05
C ARG D 3 10.86 -32.06 12.94
N LYS D 4 10.77 -31.10 13.87
CA LYS D 4 11.73 -30.01 14.01
C LYS D 4 13.14 -30.52 14.28
N GLN D 5 14.05 -30.32 13.32
CA GLN D 5 15.39 -30.88 13.37
C GLN D 5 16.44 -29.90 12.84
N LEU D 6 17.70 -30.16 13.18
CA LEU D 6 18.84 -29.44 12.62
C LEU D 6 19.23 -30.07 11.25
#